data_6BPB
#
_entry.id   6BPB
#
_cell.length_a   40.720
_cell.length_b   63.340
_cell.length_c   182.640
_cell.angle_alpha   90.000
_cell.angle_beta   90.000
_cell.angle_gamma   90.000
#
_symmetry.space_group_name_H-M   'P 2 21 21'
#
loop_
_entity.id
_entity.type
_entity.pdbx_description
1 polymer 'Monoclonal antibody 4F7 Fab heavy chain'
2 polymer 'Monoclonal antibody 4F7 Fab light chain'
3 water water
#
loop_
_entity_poly.entity_id
_entity_poly.type
_entity_poly.pdbx_seq_one_letter_code
_entity_poly.pdbx_strand_id
1 'polypeptide(L)'
;MYFRLSSVFLILILKGVQCEVKLVESEGGLVQPGSSMKFSCTASGFTFSDYYMAWVRQVPGKGLEWVANINYDGSTPDYL
DSLKSRFIISRDNAKNILYLQMSSLKSEDTATYYCARETVVGSFDYWGQGTTLTVSSAKTTAPSVYPLAPVCGDTTGSSV
TLGCLVKGYFPEPVTLTWNSGSLSSGVHTFPAVLQSDLYTLSSSVTVTSSTWPSQSITCNVAHPASSTKVDKKIEPRGPT
IKPCPPCKCPAPNS
;
A
2 'polypeptide(L)'
;MGIKMESQTQVFVYMLLWLSGVDGDIVMTQSQKFMSTSVGDRVSVTCKASQNVGTNVAWYQQKPGQSPKALIYSASYRYS
GVPDRFTGSGSGTDFTLTINNVQSEDLAYFCQQYNSYPYTFGGGTKLEIKRADAAPTVSIFPPSSEQLTSGGASVVCFLN
NFYPKDINVKWKIDGSERQNGVLNSWTDQDSKDSTYSMSSTLTLTKDEYERHNSYTCEATHKTSTSPIVKSFNRNEC
;
B
#
# COMPACT_ATOMS: atom_id res chain seq x y z
N GLU A 20 -10.98 24.00 -7.16
CA GLU A 20 -10.68 22.67 -7.63
C GLU A 20 -11.81 21.70 -7.28
N VAL A 21 -12.00 20.69 -8.12
CA VAL A 21 -12.95 19.63 -7.81
C VAL A 21 -12.46 18.86 -6.61
N LYS A 22 -13.35 18.65 -5.64
CA LYS A 22 -12.96 18.02 -4.38
C LYS A 22 -14.06 17.11 -3.89
N LEU A 23 -13.69 15.90 -3.50
CA LEU A 23 -14.63 14.90 -2.99
C LEU A 23 -14.10 14.39 -1.66
N VAL A 24 -14.91 14.49 -0.61
CA VAL A 24 -14.50 14.13 0.74
C VAL A 24 -15.47 13.09 1.28
N GLU A 25 -15.00 11.85 1.43
CA GLU A 25 -15.77 10.79 2.05
C GLU A 25 -15.75 10.91 3.57
N SER A 26 -16.79 10.37 4.20
CA SER A 26 -16.95 10.47 5.64
C SER A 26 -16.12 9.39 6.34
N GLU A 27 -16.28 9.35 7.67
CA GLU A 27 -15.44 8.51 8.53
C GLU A 27 -15.69 7.03 8.28
N GLY A 28 -14.61 6.28 8.07
CA GLY A 28 -14.63 4.85 8.07
C GLY A 28 -14.20 4.30 9.41
N GLY A 29 -13.80 3.04 9.40
CA GLY A 29 -13.25 2.43 10.60
C GLY A 29 -13.64 0.98 10.71
N LEU A 30 -13.53 0.45 11.93
CA LEU A 30 -13.78 -0.95 12.21
C LEU A 30 -15.22 -1.14 12.69
N VAL A 31 -15.95 -2.05 12.04
CA VAL A 31 -17.33 -2.33 12.38
C VAL A 31 -17.52 -3.83 12.48
N GLN A 32 -18.59 -4.23 13.17
CA GLN A 32 -18.88 -5.64 13.42
C GLN A 32 -19.58 -6.24 12.21
N PRO A 33 -19.26 -7.50 11.87
CA PRO A 33 -20.02 -8.21 10.83
C PRO A 33 -21.52 -8.17 11.13
N GLY A 34 -22.31 -7.99 10.07
CA GLY A 34 -23.74 -7.92 10.20
C GLY A 34 -24.30 -6.55 10.53
N SER A 35 -23.45 -5.55 10.78
CA SER A 35 -23.94 -4.22 11.10
C SER A 35 -24.20 -3.46 9.81
N SER A 36 -24.75 -2.25 9.95
CA SER A 36 -25.05 -1.38 8.82
C SER A 36 -24.39 -0.02 9.04
N MET A 37 -24.03 0.64 7.95
CA MET A 37 -23.46 1.97 8.05
C MET A 37 -23.61 2.70 6.73
N LYS A 38 -23.68 4.02 6.84
CA LYS A 38 -23.94 4.90 5.70
C LYS A 38 -22.73 5.80 5.47
N PHE A 39 -22.17 5.73 4.27
CA PHE A 39 -21.09 6.60 3.87
C PHE A 39 -21.66 7.83 3.17
N SER A 40 -20.96 8.95 3.33
CA SER A 40 -21.28 10.18 2.62
C SER A 40 -20.03 10.70 1.93
N CYS A 41 -20.26 11.42 0.85
CA CYS A 41 -19.18 12.11 0.15
C CYS A 41 -19.61 13.52 -0.19
N THR A 42 -18.95 14.50 0.41
CA THR A 42 -19.28 15.91 0.20
C THR A 42 -18.56 16.44 -1.03
N ALA A 43 -19.32 16.90 -2.02
CA ALA A 43 -18.76 17.34 -3.29
C ALA A 43 -18.69 18.87 -3.33
N SER A 44 -17.55 19.38 -3.81
CA SER A 44 -17.33 20.81 -3.85
C SER A 44 -16.56 21.16 -5.11
N GLY A 45 -16.68 22.41 -5.55
CA GLY A 45 -15.91 22.92 -6.67
C GLY A 45 -16.46 22.60 -8.03
N PHE A 46 -17.67 22.06 -8.13
CA PHE A 46 -18.29 21.82 -9.43
C PHE A 46 -19.79 21.73 -9.24
N THR A 47 -20.51 21.79 -10.35
CA THR A 47 -21.96 21.69 -10.31
C THR A 47 -22.32 20.22 -10.17
N PHE A 48 -22.66 19.83 -8.93
CA PHE A 48 -22.86 18.43 -8.58
C PHE A 48 -23.96 17.79 -9.42
N SER A 49 -25.05 18.51 -9.66
CA SER A 49 -26.18 17.96 -10.42
C SER A 49 -25.86 17.75 -11.89
N ASP A 50 -24.70 18.19 -12.37
CA ASP A 50 -24.32 18.06 -13.77
C ASP A 50 -23.57 16.75 -14.06
N TYR A 51 -23.39 15.88 -13.06
CA TYR A 51 -22.55 14.71 -13.24
C TYR A 51 -23.17 13.48 -12.61
N TYR A 52 -23.01 12.35 -13.28
CA TYR A 52 -23.13 11.05 -12.62
C TYR A 52 -22.10 10.96 -11.49
N MET A 53 -22.47 10.25 -10.43
CA MET A 53 -21.54 9.93 -9.35
C MET A 53 -21.54 8.43 -9.09
N ALA A 54 -20.45 7.95 -8.49
CA ALA A 54 -20.27 6.52 -8.30
C ALA A 54 -19.46 6.23 -7.04
N TRP A 55 -19.49 4.96 -6.65
CA TRP A 55 -18.65 4.44 -5.56
C TRP A 55 -17.83 3.28 -6.11
N VAL A 56 -16.54 3.29 -5.80
CA VAL A 56 -15.61 2.23 -6.17
C VAL A 56 -14.79 1.89 -4.94
N ARG A 57 -14.60 0.60 -4.68
CA ARG A 57 -13.83 0.16 -3.52
C ARG A 57 -12.62 -0.64 -3.96
N GLN A 58 -11.63 -0.73 -3.07
CA GLN A 58 -10.37 -1.39 -3.40
C GLN A 58 -9.76 -2.01 -2.16
N VAL A 59 -9.55 -3.32 -2.20
CA VAL A 59 -8.80 -4.04 -1.17
C VAL A 59 -7.39 -4.25 -1.69
N PRO A 60 -6.36 -3.96 -0.89
CA PRO A 60 -4.99 -3.96 -1.42
C PRO A 60 -4.60 -5.30 -2.04
N GLY A 61 -3.97 -5.22 -3.22
CA GLY A 61 -3.49 -6.39 -3.92
C GLY A 61 -4.51 -7.09 -4.82
N LYS A 62 -5.78 -6.72 -4.72
CA LYS A 62 -6.84 -7.36 -5.49
C LYS A 62 -7.46 -6.41 -6.52
N GLY A 63 -7.07 -5.15 -6.53
CA GLY A 63 -7.53 -4.23 -7.57
C GLY A 63 -8.73 -3.41 -7.15
N LEU A 64 -9.31 -2.76 -8.16
CA LEU A 64 -10.45 -1.87 -7.96
C LEU A 64 -11.73 -2.57 -8.39
N GLU A 65 -12.79 -2.38 -7.62
CA GLU A 65 -14.08 -3.01 -7.86
C GLU A 65 -15.18 -1.96 -7.83
N TRP A 66 -15.94 -1.85 -8.93
CA TRP A 66 -17.04 -0.91 -9.01
C TRP A 66 -18.23 -1.39 -8.18
N VAL A 67 -18.82 -0.49 -7.40
CA VAL A 67 -19.91 -0.83 -6.49
C VAL A 67 -21.26 -0.37 -7.03
N ALA A 68 -21.38 0.92 -7.35
CA ALA A 68 -22.67 1.47 -7.75
C ALA A 68 -22.45 2.86 -8.33
N ASN A 69 -23.40 3.30 -9.14
CA ASN A 69 -23.43 4.67 -9.66
C ASN A 69 -24.87 5.16 -9.67
N ILE A 70 -25.06 6.44 -9.99
CA ILE A 70 -26.38 7.06 -9.88
C ILE A 70 -26.44 8.22 -10.87
N ASN A 71 -27.63 8.44 -11.44
CA ASN A 71 -27.79 9.47 -12.47
C ASN A 71 -27.75 10.87 -11.86
N TYR A 72 -27.98 11.86 -12.73
CA TYR A 72 -27.93 13.26 -12.33
C TYR A 72 -28.90 13.58 -11.19
N ASP A 73 -30.16 13.16 -11.32
CA ASP A 73 -31.19 13.51 -10.34
C ASP A 73 -31.54 12.37 -9.39
N GLY A 74 -30.81 11.26 -9.42
CA GLY A 74 -31.06 10.16 -8.51
C GLY A 74 -32.16 9.21 -8.91
N SER A 75 -32.74 9.38 -10.10
CA SER A 75 -33.90 8.60 -10.49
C SER A 75 -33.56 7.20 -10.94
N THR A 76 -32.29 6.93 -11.23
CA THR A 76 -31.88 5.66 -11.82
C THR A 76 -30.51 5.27 -11.29
N PRO A 77 -30.45 4.43 -10.26
CA PRO A 77 -29.17 3.87 -9.83
C PRO A 77 -28.80 2.61 -10.58
N ASP A 78 -27.54 2.23 -10.46
CA ASP A 78 -27.05 0.94 -10.94
C ASP A 78 -26.14 0.35 -9.88
N TYR A 79 -26.17 -0.97 -9.75
CA TYR A 79 -25.42 -1.67 -8.72
C TYR A 79 -24.68 -2.86 -9.30
N LEU A 80 -23.58 -3.22 -8.64
CA LEU A 80 -22.99 -4.54 -8.81
C LEU A 80 -23.93 -5.59 -8.24
N ASP A 81 -24.39 -6.52 -9.07
CA ASP A 81 -25.53 -7.36 -8.68
C ASP A 81 -25.23 -8.21 -7.45
N SER A 82 -23.97 -8.55 -7.22
CA SER A 82 -23.62 -9.29 -6.01
C SER A 82 -23.80 -8.45 -4.75
N LEU A 83 -23.82 -7.12 -4.90
CA LEU A 83 -24.04 -6.22 -3.78
C LEU A 83 -25.39 -5.53 -3.81
N LYS A 84 -26.18 -5.72 -4.88
CA LYS A 84 -27.49 -5.09 -4.96
C LYS A 84 -28.39 -5.46 -3.79
N SER A 85 -28.11 -6.56 -3.11
CA SER A 85 -28.95 -7.03 -2.02
C SER A 85 -28.76 -6.23 -0.75
N ARG A 86 -27.65 -5.50 -0.59
CA ARG A 86 -27.35 -4.85 0.68
C ARG A 86 -26.90 -3.40 0.58
N PHE A 87 -26.74 -2.87 -0.64
CA PHE A 87 -26.17 -1.53 -0.84
C PHE A 87 -27.22 -0.63 -1.49
N ILE A 88 -27.23 0.65 -1.11
CA ILE A 88 -28.15 1.63 -1.68
C ILE A 88 -27.39 2.93 -1.90
N ILE A 89 -27.42 3.44 -3.13
CA ILE A 89 -26.76 4.69 -3.50
C ILE A 89 -27.81 5.80 -3.57
N SER A 90 -27.43 6.99 -3.13
CA SER A 90 -28.37 8.10 -3.04
C SER A 90 -27.60 9.42 -3.15
N ARG A 91 -28.33 10.50 -3.44
CA ARG A 91 -27.71 11.80 -3.56
C ARG A 91 -28.71 12.89 -3.21
N ASP A 92 -28.19 13.98 -2.63
CA ASP A 92 -28.91 15.20 -2.32
C ASP A 92 -28.17 16.33 -3.01
N ASN A 93 -28.68 16.79 -4.16
CA ASN A 93 -28.01 17.85 -4.89
C ASN A 93 -28.25 19.23 -4.31
N ALA A 94 -29.07 19.34 -3.25
CA ALA A 94 -29.16 20.61 -2.54
C ALA A 94 -28.01 20.77 -1.56
N LYS A 95 -27.60 19.68 -0.92
CA LYS A 95 -26.42 19.68 -0.04
C LYS A 95 -25.15 19.26 -0.77
N ASN A 96 -25.25 18.82 -2.02
CA ASN A 96 -24.10 18.37 -2.82
C ASN A 96 -23.36 17.23 -2.12
N ILE A 97 -24.10 16.18 -1.77
CA ILE A 97 -23.55 15.04 -1.06
C ILE A 97 -24.05 13.76 -1.70
N LEU A 98 -23.16 12.78 -1.83
CA LEU A 98 -23.49 11.43 -2.29
C LEU A 98 -23.39 10.47 -1.12
N TYR A 99 -24.33 9.54 -1.04
CA TYR A 99 -24.40 8.58 0.06
C TYR A 99 -24.27 7.16 -0.47
N LEU A 100 -23.81 6.26 0.41
CA LEU A 100 -23.89 4.82 0.16
C LEU A 100 -24.27 4.14 1.46
N GLN A 101 -25.44 3.48 1.47
CA GLN A 101 -25.93 2.76 2.64
C GLN A 101 -25.57 1.30 2.48
N MET A 102 -24.97 0.71 3.51
CA MET A 102 -24.54 -0.68 3.48
C MET A 102 -25.20 -1.44 4.62
N SER A 103 -25.68 -2.64 4.32
CA SER A 103 -26.42 -3.45 5.28
C SER A 103 -25.81 -4.84 5.37
N SER A 104 -25.96 -5.45 6.54
CA SER A 104 -25.49 -6.82 6.82
C SER A 104 -24.07 -7.03 6.31
N LEU A 105 -23.18 -6.16 6.76
CA LEU A 105 -21.82 -6.13 6.23
C LEU A 105 -21.07 -7.42 6.52
N LYS A 106 -20.30 -7.86 5.53
CA LYS A 106 -19.46 -9.04 5.62
C LYS A 106 -18.00 -8.62 5.66
N SER A 107 -17.14 -9.53 6.13
CA SER A 107 -15.71 -9.26 6.12
C SER A 107 -15.20 -8.97 4.72
N GLU A 108 -15.86 -9.54 3.71
CA GLU A 108 -15.46 -9.30 2.33
C GLU A 108 -15.72 -7.85 1.90
N ASP A 109 -16.55 -7.11 2.65
CA ASP A 109 -16.75 -5.69 2.36
C ASP A 109 -15.61 -4.82 2.85
N THR A 110 -14.65 -5.40 3.58
CA THR A 110 -13.45 -4.67 3.98
C THR A 110 -12.71 -4.15 2.75
N ALA A 111 -12.48 -2.83 2.71
CA ALA A 111 -11.78 -2.18 1.61
C ALA A 111 -11.70 -0.69 1.89
N THR A 112 -10.94 0.01 1.06
CA THR A 112 -11.03 1.46 0.96
C THR A 112 -12.11 1.80 -0.04
N TYR A 113 -13.04 2.68 0.36
CA TYR A 113 -14.14 3.10 -0.50
C TYR A 113 -13.87 4.52 -0.99
N TYR A 114 -13.96 4.72 -2.31
CA TYR A 114 -13.73 6.01 -2.97
C TYR A 114 -15.05 6.53 -3.51
N CYS A 115 -15.34 7.82 -3.35
CA CYS A 115 -16.37 8.41 -4.20
C CYS A 115 -15.69 8.98 -5.42
N ALA A 116 -16.44 8.99 -6.52
CA ALA A 116 -15.90 9.31 -7.83
C ALA A 116 -16.92 10.11 -8.61
N ARG A 117 -16.45 11.13 -9.33
CA ARG A 117 -17.27 11.84 -10.29
C ARG A 117 -17.20 11.11 -11.63
N GLU A 118 -18.37 10.76 -12.18
CA GLU A 118 -18.43 10.00 -13.42
C GLU A 118 -18.69 10.93 -14.59
N THR A 119 -17.84 10.85 -15.61
CA THR A 119 -18.01 11.66 -16.80
C THR A 119 -19.22 11.17 -17.61
N VAL A 120 -19.61 11.98 -18.60
CA VAL A 120 -20.82 11.65 -19.36
C VAL A 120 -20.66 10.34 -20.12
N VAL A 121 -19.44 9.98 -20.52
CA VAL A 121 -19.24 8.73 -21.23
C VAL A 121 -19.16 7.53 -20.28
N GLY A 122 -18.75 7.74 -19.03
CA GLY A 122 -18.68 6.65 -18.06
C GLY A 122 -17.35 6.50 -17.36
N SER A 123 -16.36 7.37 -17.58
CA SER A 123 -15.12 7.30 -16.82
C SER A 123 -15.23 8.12 -15.54
N PHE A 124 -14.19 8.05 -14.72
CA PHE A 124 -14.13 8.76 -13.43
C PHE A 124 -12.99 9.76 -13.48
N ASP A 125 -13.31 11.02 -13.76
CA ASP A 125 -12.26 12.03 -13.89
C ASP A 125 -11.79 12.58 -12.55
N TYR A 126 -12.52 12.34 -11.46
CA TYR A 126 -12.08 12.78 -10.14
C TYR A 126 -12.46 11.74 -9.10
N TRP A 127 -11.56 11.52 -8.15
CA TRP A 127 -11.73 10.54 -7.10
C TRP A 127 -11.55 11.21 -5.74
N GLY A 128 -12.28 10.71 -4.75
CA GLY A 128 -12.08 11.16 -3.38
C GLY A 128 -10.81 10.61 -2.80
N GLN A 129 -10.51 11.04 -1.57
CA GLN A 129 -9.32 10.56 -0.87
C GLN A 129 -9.48 9.12 -0.39
N GLY A 130 -10.67 8.57 -0.46
CA GLY A 130 -10.91 7.22 0.03
C GLY A 130 -11.05 7.18 1.54
N THR A 131 -11.85 6.23 2.01
CA THR A 131 -11.96 5.96 3.43
C THR A 131 -12.02 4.45 3.62
N THR A 132 -11.34 3.97 4.64
CA THR A 132 -11.17 2.53 4.84
C THR A 132 -12.25 2.00 5.76
N LEU A 133 -12.82 0.86 5.40
CA LEU A 133 -13.78 0.14 6.22
C LEU A 133 -13.20 -1.23 6.54
N THR A 134 -13.24 -1.62 7.81
CA THR A 134 -12.79 -2.94 8.25
C THR A 134 -13.96 -3.63 8.93
N VAL A 135 -14.43 -4.72 8.34
CA VAL A 135 -15.54 -5.50 8.88
C VAL A 135 -14.93 -6.74 9.51
N SER A 136 -14.93 -6.81 10.84
CA SER A 136 -14.22 -7.88 11.53
C SER A 136 -14.69 -7.96 12.97
N SER A 137 -14.71 -9.18 13.50
CA SER A 137 -15.02 -9.40 14.91
C SER A 137 -13.78 -9.48 15.78
N ALA A 138 -12.58 -9.31 15.20
CA ALA A 138 -11.38 -9.22 16.01
C ALA A 138 -11.37 -7.92 16.81
N LYS A 139 -10.83 -8.00 18.01
CA LYS A 139 -10.84 -6.84 18.90
C LYS A 139 -9.70 -5.88 18.58
N THR A 140 -9.99 -4.59 18.70
CA THR A 140 -8.96 -3.57 18.57
C THR A 140 -7.89 -3.78 19.63
N THR A 141 -6.63 -3.79 19.19
CA THR A 141 -5.50 -4.01 20.09
C THR A 141 -4.42 -2.99 19.79
N ALA A 142 -3.97 -2.28 20.83
CA ALA A 142 -2.95 -1.28 20.66
C ALA A 142 -1.58 -1.92 20.39
N PRO A 143 -0.69 -1.21 19.71
CA PRO A 143 0.60 -1.81 19.36
C PRO A 143 1.61 -1.77 20.50
N SER A 144 2.47 -2.79 20.50
CA SER A 144 3.69 -2.78 21.28
C SER A 144 4.81 -2.24 20.40
N VAL A 145 5.58 -1.29 20.91
CA VAL A 145 6.63 -0.61 20.13
C VAL A 145 7.95 -0.89 20.82
N TYR A 146 8.85 -1.59 20.13
CA TYR A 146 10.14 -1.92 20.73
C TYR A 146 11.26 -1.20 19.99
N PRO A 147 12.24 -0.63 20.70
CA PRO A 147 13.35 0.05 20.02
C PRO A 147 14.32 -0.94 19.42
N LEU A 148 14.93 -0.53 18.30
CA LEU A 148 15.97 -1.32 17.64
C LEU A 148 17.25 -0.49 17.66
N ALA A 149 18.15 -0.83 18.59
CA ALA A 149 19.39 -0.13 18.79
C ALA A 149 20.57 -1.02 18.44
N PRO A 150 21.66 -0.45 17.88
CA PRO A 150 22.83 -1.22 17.44
C PRO A 150 23.39 -2.16 18.50
N GLY A 157 31.22 2.64 10.89
CA GLY A 157 31.06 3.29 9.60
C GLY A 157 30.57 4.73 9.69
N SER A 158 30.40 5.36 8.52
CA SER A 158 30.00 6.76 8.47
C SER A 158 28.49 6.95 8.64
N SER A 159 27.71 5.88 8.55
CA SER A 159 26.26 5.95 8.77
C SER A 159 25.87 4.87 9.77
N VAL A 160 24.76 5.10 10.47
CA VAL A 160 24.24 4.16 11.45
C VAL A 160 22.75 3.98 11.21
N THR A 161 22.28 2.75 11.36
CA THR A 161 20.88 2.42 11.14
C THR A 161 20.21 2.10 12.47
N LEU A 162 19.09 2.75 12.73
CA LEU A 162 18.26 2.53 13.91
C LEU A 162 16.90 2.03 13.46
N GLY A 163 16.08 1.58 14.41
CA GLY A 163 14.79 1.08 13.99
C GLY A 163 13.79 0.99 15.12
N CYS A 164 12.57 0.65 14.74
CA CYS A 164 11.48 0.42 15.69
C CYS A 164 10.67 -0.75 15.17
N LEU A 165 10.35 -1.68 16.08
CA LEU A 165 9.53 -2.84 15.79
C LEU A 165 8.15 -2.62 16.38
N VAL A 166 7.12 -2.72 15.54
CA VAL A 166 5.73 -2.45 15.93
C VAL A 166 4.97 -3.75 15.82
N LYS A 167 4.62 -4.34 16.97
CA LYS A 167 4.10 -5.70 17.01
C LYS A 167 2.73 -5.75 17.68
N GLY A 168 1.86 -6.61 17.17
CA GLY A 168 0.66 -7.03 17.86
C GLY A 168 -0.49 -6.06 17.93
N TYR A 169 -0.80 -5.38 16.82
CA TYR A 169 -1.88 -4.42 16.82
C TYR A 169 -2.97 -4.85 15.84
N PHE A 170 -4.17 -4.28 16.03
CA PHE A 170 -5.29 -4.49 15.15
C PHE A 170 -6.29 -3.37 15.38
N PRO A 171 -6.95 -2.85 14.33
CA PRO A 171 -6.70 -3.14 12.92
C PRO A 171 -5.63 -2.23 12.32
N GLU A 172 -5.38 -2.42 11.02
CA GLU A 172 -4.57 -1.46 10.28
C GLU A 172 -5.33 -0.15 10.16
N PRO A 173 -4.63 0.98 10.02
CA PRO A 173 -3.18 1.15 9.93
C PRO A 173 -2.54 1.75 11.18
N VAL A 174 -1.22 1.77 11.19
CA VAL A 174 -0.46 2.64 12.10
C VAL A 174 0.36 3.59 11.24
N THR A 175 0.67 4.75 11.80
CA THR A 175 1.50 5.75 11.13
C THR A 175 2.79 5.91 11.93
N LEU A 176 3.92 5.70 11.26
CA LEU A 176 5.22 5.85 11.88
C LEU A 176 5.91 7.09 11.35
N THR A 177 6.42 7.90 12.26
CA THR A 177 7.27 9.03 11.93
C THR A 177 8.52 8.97 12.79
N TRP A 178 9.55 9.71 12.39
CA TRP A 178 10.77 9.84 13.16
C TRP A 178 10.96 11.31 13.54
N ASN A 179 11.19 11.55 14.82
CA ASN A 179 11.30 12.90 15.38
C ASN A 179 10.10 13.74 14.97
N SER A 180 8.90 13.16 15.16
CA SER A 180 7.63 13.82 14.86
C SER A 180 7.54 14.29 13.41
N GLY A 181 8.21 13.59 12.50
CA GLY A 181 8.17 13.89 11.09
C GLY A 181 9.32 14.72 10.56
N SER A 182 10.10 15.34 11.44
CA SER A 182 11.21 16.16 10.98
C SER A 182 12.38 15.34 10.47
N LEU A 183 12.41 14.04 10.76
CA LEU A 183 13.44 13.13 10.23
C LEU A 183 12.76 12.24 9.20
N SER A 184 12.93 12.57 7.92
CA SER A 184 12.26 11.83 6.86
C SER A 184 13.20 11.18 5.85
N SER A 185 14.40 11.71 5.66
CA SER A 185 15.35 11.08 4.76
C SER A 185 15.84 9.75 5.35
N GLY A 186 16.16 8.81 4.46
CA GLY A 186 16.73 7.56 4.91
C GLY A 186 15.82 6.70 5.76
N VAL A 187 14.50 6.86 5.64
CA VAL A 187 13.54 6.06 6.40
C VAL A 187 12.97 4.99 5.48
N HIS A 188 12.84 3.77 5.99
CA HIS A 188 12.10 2.71 5.33
C HIS A 188 11.07 2.20 6.33
N THR A 189 9.79 2.43 6.07
CA THR A 189 8.73 1.83 6.88
C THR A 189 8.12 0.70 6.05
N PHE A 190 8.16 -0.53 6.60
CA PHE A 190 7.84 -1.67 5.78
C PHE A 190 6.36 -2.01 5.87
N PRO A 191 5.81 -2.66 4.83
CA PRO A 191 4.41 -3.11 4.90
C PRO A 191 4.18 -4.06 6.06
N ALA A 192 3.00 -3.96 6.65
CA ALA A 192 2.65 -4.79 7.79
C ALA A 192 2.29 -6.21 7.34
N VAL A 193 2.54 -7.18 8.23
CA VAL A 193 2.29 -8.58 7.96
C VAL A 193 1.29 -9.10 8.97
N LEU A 194 0.28 -9.82 8.49
CA LEU A 194 -0.81 -10.32 9.32
C LEU A 194 -0.45 -11.68 9.88
N GLN A 195 -0.48 -11.81 11.21
CA GLN A 195 -0.14 -13.06 11.88
C GLN A 195 -1.15 -13.30 13.00
N SER A 196 -2.07 -14.25 12.79
CA SER A 196 -3.07 -14.61 13.78
C SER A 196 -3.88 -13.40 14.22
N ASP A 197 -4.39 -12.66 13.23
CA ASP A 197 -5.25 -11.49 13.46
C ASP A 197 -4.54 -10.40 14.26
N LEU A 198 -3.21 -10.39 14.21
CA LEU A 198 -2.42 -9.28 14.73
C LEU A 198 -1.40 -8.87 13.68
N TYR A 199 -1.17 -7.56 13.57
CA TYR A 199 -0.26 -7.02 12.58
C TYR A 199 1.09 -6.70 13.21
N THR A 200 2.14 -6.83 12.39
CA THR A 200 3.49 -6.44 12.78
C THR A 200 4.14 -5.72 11.61
N LEU A 201 4.87 -4.65 11.92
CA LEU A 201 5.73 -4.02 10.93
C LEU A 201 6.96 -3.47 11.65
N SER A 202 7.94 -3.03 10.87
CA SER A 202 9.11 -2.37 11.41
C SER A 202 9.43 -1.15 10.54
N SER A 203 10.22 -0.25 11.09
CA SER A 203 10.69 0.90 10.33
C SER A 203 12.15 1.12 10.69
N SER A 204 12.99 1.41 9.71
CA SER A 204 14.38 1.72 9.94
C SER A 204 14.67 3.14 9.48
N VAL A 205 15.61 3.79 10.15
CA VAL A 205 16.09 5.10 9.76
C VAL A 205 17.61 5.09 9.83
N THR A 206 18.26 5.74 8.87
CA THR A 206 19.71 5.77 8.79
C THR A 206 20.19 7.21 8.82
N VAL A 207 21.09 7.52 9.75
CA VAL A 207 21.63 8.86 9.90
C VAL A 207 23.14 8.78 9.96
N THR A 208 23.79 9.93 9.75
CA THR A 208 25.24 10.02 9.88
C THR A 208 25.67 9.61 11.28
N SER A 209 26.75 8.82 11.34
CA SER A 209 27.15 8.20 12.60
C SER A 209 27.49 9.24 13.67
N SER A 210 27.97 10.42 13.26
CA SER A 210 28.38 11.43 14.23
C SER A 210 27.20 12.17 14.85
N THR A 211 25.97 11.96 14.35
CA THR A 211 24.79 12.66 14.84
C THR A 211 23.94 11.83 15.78
N TRP A 212 24.35 10.60 16.09
CA TRP A 212 23.63 9.79 17.04
C TRP A 212 24.69 9.12 17.92
N PRO A 213 24.51 9.13 19.26
CA PRO A 213 23.33 9.65 19.97
C PRO A 213 23.31 11.16 20.19
N SER A 214 24.22 11.91 19.55
CA SER A 214 24.32 13.36 19.77
C SER A 214 22.97 14.05 19.59
N GLN A 215 22.37 13.89 18.43
CA GLN A 215 21.09 14.50 18.10
C GLN A 215 20.04 13.39 18.13
N SER A 216 19.15 13.46 19.09
CA SER A 216 18.29 12.33 19.44
C SER A 216 17.42 11.90 18.28
N ILE A 217 17.05 10.61 18.29
CA ILE A 217 16.23 9.99 17.25
C ILE A 217 15.13 9.19 17.94
N THR A 218 13.87 9.52 17.62
CA THR A 218 12.69 9.00 18.29
C THR A 218 11.71 8.52 17.24
N CYS A 219 11.20 7.29 17.38
CA CYS A 219 10.15 6.85 16.49
C CYS A 219 8.79 7.09 17.16
N ASN A 220 7.85 7.62 16.38
CA ASN A 220 6.49 7.87 16.85
C ASN A 220 5.55 6.93 16.11
N VAL A 221 4.76 6.17 16.87
CA VAL A 221 3.87 5.17 16.29
C VAL A 221 2.44 5.50 16.70
N ALA A 222 1.65 5.99 15.75
CA ALA A 222 0.25 6.33 16.01
C ALA A 222 -0.66 5.22 15.51
N HIS A 223 -1.65 4.85 16.34
CA HIS A 223 -2.64 3.84 16.00
C HIS A 223 -4.01 4.44 16.27
N PRO A 224 -4.61 5.13 15.30
CA PRO A 224 -5.87 5.84 15.57
C PRO A 224 -6.99 4.95 16.07
N ALA A 225 -7.06 3.70 15.61
CA ALA A 225 -8.16 2.82 16.02
C ALA A 225 -8.21 2.64 17.53
N SER A 226 -7.05 2.55 18.18
CA SER A 226 -6.99 2.40 19.63
C SER A 226 -6.76 3.72 20.35
N SER A 227 -6.75 4.84 19.62
CA SER A 227 -6.54 6.16 20.20
C SER A 227 -5.23 6.22 20.99
N THR A 228 -4.21 5.55 20.47
CA THR A 228 -2.93 5.40 21.13
C THR A 228 -1.83 5.93 20.24
N LYS A 229 -0.83 6.56 20.86
CA LYS A 229 0.42 6.89 20.19
C LYS A 229 1.56 6.57 21.15
N VAL A 230 2.64 5.99 20.62
CA VAL A 230 3.80 5.59 21.41
C VAL A 230 5.05 6.19 20.79
N ASP A 231 5.88 6.82 21.61
CA ASP A 231 7.13 7.40 21.17
C ASP A 231 8.28 6.71 21.91
N LYS A 232 9.20 6.11 21.15
CA LYS A 232 10.36 5.43 21.69
C LYS A 232 11.60 6.14 21.18
N LYS A 233 12.36 6.75 22.10
CA LYS A 233 13.65 7.32 21.75
C LYS A 233 14.69 6.21 21.72
N ILE A 234 15.52 6.20 20.68
CA ILE A 234 16.51 5.15 20.49
C ILE A 234 17.80 5.56 21.21
N GLU A 235 18.28 4.71 22.11
CA GLU A 235 19.53 5.02 22.80
C GLU A 235 20.45 3.81 22.79
N PRO A 236 21.76 4.04 22.89
CA PRO A 236 22.71 2.92 22.83
C PRO A 236 22.44 1.87 23.90
N ARG A 237 22.80 0.63 23.58
CA ARG A 237 22.63 -0.49 24.51
C ARG A 237 23.74 -0.50 25.55
N GLY B 24 -23.14 -9.20 -16.57
CA GLY B 24 -22.47 -10.11 -15.66
C GLY B 24 -21.06 -9.66 -15.34
N ASP B 25 -20.17 -9.81 -16.33
CA ASP B 25 -18.79 -9.37 -16.17
C ASP B 25 -18.03 -9.35 -17.49
N ILE B 26 -17.50 -8.18 -17.85
CA ILE B 26 -16.44 -8.09 -18.84
C ILE B 26 -15.12 -8.04 -18.07
N VAL B 27 -14.17 -8.90 -18.44
CA VAL B 27 -12.89 -9.00 -17.76
C VAL B 27 -11.86 -8.16 -18.51
N MET B 28 -11.24 -7.22 -17.80
CA MET B 28 -10.10 -6.45 -18.31
C MET B 28 -8.84 -7.04 -17.72
N THR B 29 -7.99 -7.63 -18.57
CA THR B 29 -6.79 -8.33 -18.11
C THR B 29 -5.56 -7.52 -18.46
N GLN B 30 -4.82 -7.10 -17.44
CA GLN B 30 -3.47 -6.58 -17.58
C GLN B 30 -2.53 -7.70 -17.16
N SER B 31 -1.99 -8.43 -18.15
CA SER B 31 -1.28 -9.66 -17.85
C SER B 31 0.08 -9.40 -17.20
N GLN B 32 0.67 -8.25 -17.47
CA GLN B 32 1.98 -7.89 -16.94
C GLN B 32 1.80 -7.10 -15.65
N LYS B 33 2.06 -7.73 -14.52
CA LYS B 33 2.01 -7.01 -13.26
C LYS B 33 3.14 -5.99 -13.15
N PHE B 34 4.29 -6.28 -13.77
CA PHE B 34 5.43 -5.38 -13.79
C PHE B 34 5.92 -5.22 -15.23
N MET B 35 6.37 -4.01 -15.56
CA MET B 35 6.85 -3.68 -16.89
C MET B 35 8.21 -3.02 -16.78
N SER B 36 9.24 -3.66 -17.35
CA SER B 36 10.60 -3.18 -17.21
C SER B 36 10.90 -2.05 -18.19
N THR B 37 11.69 -1.09 -17.74
CA THR B 37 12.05 0.08 -18.55
C THR B 37 13.20 0.81 -17.83
N SER B 38 13.60 1.94 -18.39
CA SER B 38 14.67 2.76 -17.85
C SER B 38 14.24 4.23 -17.82
N VAL B 39 14.92 5.01 -16.98
CA VAL B 39 14.56 6.41 -16.80
C VAL B 39 14.66 7.13 -18.14
N GLY B 40 13.61 7.89 -18.48
CA GLY B 40 13.58 8.64 -19.72
C GLY B 40 13.09 7.87 -20.93
N ASP B 41 12.82 6.57 -20.79
CA ASP B 41 12.37 5.76 -21.90
C ASP B 41 10.88 5.96 -22.15
N ARG B 42 10.44 5.55 -23.34
CA ARG B 42 9.03 5.36 -23.63
C ARG B 42 8.66 3.90 -23.37
N VAL B 43 7.44 3.68 -22.87
CA VAL B 43 7.00 2.33 -22.52
C VAL B 43 5.50 2.24 -22.73
N SER B 44 5.03 1.03 -23.05
CA SER B 44 3.63 0.78 -23.36
C SER B 44 3.07 -0.30 -22.45
N VAL B 45 1.90 -0.03 -21.89
CA VAL B 45 1.18 -0.94 -21.00
C VAL B 45 -0.06 -1.45 -21.74
N THR B 46 -0.31 -2.75 -21.60
CA THR B 46 -1.36 -3.40 -22.38
C THR B 46 -2.53 -3.82 -21.52
N CYS B 47 -3.72 -3.79 -22.12
CA CYS B 47 -4.97 -4.14 -21.45
C CYS B 47 -5.89 -4.81 -22.46
N LYS B 48 -6.36 -6.03 -22.15
CA LYS B 48 -7.18 -6.81 -23.07
C LYS B 48 -8.56 -7.07 -22.49
N ALA B 49 -9.60 -6.73 -23.24
CA ALA B 49 -10.98 -6.96 -22.83
C ALA B 49 -11.46 -8.32 -23.32
N SER B 50 -12.23 -9.01 -22.47
CA SER B 50 -12.74 -10.33 -22.84
C SER B 50 -13.86 -10.25 -23.87
N GLN B 51 -14.48 -9.08 -24.04
CA GLN B 51 -15.49 -8.85 -25.05
C GLN B 51 -15.21 -7.51 -25.72
N ASN B 52 -15.95 -7.22 -26.78
CA ASN B 52 -15.76 -5.95 -27.49
C ASN B 52 -16.29 -4.81 -26.62
N VAL B 53 -15.41 -3.86 -26.29
CA VAL B 53 -15.79 -2.67 -25.56
C VAL B 53 -15.66 -1.42 -26.42
N GLY B 54 -15.46 -1.58 -27.73
CA GLY B 54 -15.34 -0.43 -28.62
C GLY B 54 -14.18 0.44 -28.21
N THR B 55 -14.47 1.70 -27.88
CA THR B 55 -13.49 2.62 -27.33
C THR B 55 -13.89 3.12 -25.94
N ASN B 56 -14.73 2.37 -25.23
CA ASN B 56 -15.22 2.79 -23.91
C ASN B 56 -14.25 2.36 -22.82
N VAL B 57 -13.00 2.81 -22.93
CA VAL B 57 -11.93 2.42 -22.01
C VAL B 57 -11.27 3.66 -21.44
N ALA B 58 -10.97 3.61 -20.14
CA ALA B 58 -10.28 4.67 -19.43
C ALA B 58 -8.97 4.15 -18.84
N TRP B 59 -8.02 5.07 -18.63
CA TRP B 59 -6.74 4.74 -18.01
C TRP B 59 -6.54 5.64 -16.81
N TYR B 60 -5.97 5.09 -15.74
CA TYR B 60 -5.71 5.81 -14.51
C TYR B 60 -4.30 5.50 -14.04
N GLN B 61 -3.74 6.40 -13.23
CA GLN B 61 -2.53 6.15 -12.46
C GLN B 61 -2.88 6.17 -10.98
N GLN B 62 -2.12 5.45 -10.18
CA GLN B 62 -2.40 5.45 -8.76
C GLN B 62 -1.14 5.15 -7.97
N LYS B 63 -0.91 5.89 -6.89
CA LYS B 63 0.10 5.57 -5.90
C LYS B 63 -0.16 4.21 -5.22
N SER B 67 -5.31 7.51 -3.88
CA SER B 67 -6.46 7.60 -4.77
C SER B 67 -6.03 7.76 -6.23
N PRO B 68 -6.72 7.07 -7.13
CA PRO B 68 -6.34 7.11 -8.55
C PRO B 68 -6.47 8.52 -9.13
N LYS B 69 -5.75 8.74 -10.22
CA LYS B 69 -5.82 9.98 -10.98
C LYS B 69 -6.16 9.64 -12.43
N ALA B 70 -7.12 10.36 -12.99
CA ALA B 70 -7.62 10.05 -14.33
C ALA B 70 -6.63 10.53 -15.39
N LEU B 71 -6.35 9.67 -16.38
CA LEU B 71 -5.41 9.99 -17.44
C LEU B 71 -6.06 10.07 -18.80
N ILE B 72 -6.77 9.03 -19.23
CA ILE B 72 -7.28 8.95 -20.60
C ILE B 72 -8.68 8.35 -20.58
N TYR B 73 -9.53 8.85 -21.46
CA TYR B 73 -10.89 8.35 -21.65
C TYR B 73 -11.13 8.15 -23.14
N SER B 74 -12.19 7.41 -23.45
CA SER B 74 -12.54 7.08 -24.83
C SER B 74 -11.34 6.51 -25.57
N ALA B 75 -10.56 5.67 -24.86
CA ALA B 75 -9.41 4.95 -25.38
C ALA B 75 -8.20 5.82 -25.67
N SER B 76 -8.40 7.03 -26.19
CA SER B 76 -7.28 7.82 -26.69
C SER B 76 -7.33 9.30 -26.32
N TYR B 77 -8.32 9.73 -25.54
CA TYR B 77 -8.53 11.15 -25.27
C TYR B 77 -7.97 11.50 -23.90
N ARG B 78 -7.23 12.60 -23.83
CA ARG B 78 -6.66 13.08 -22.57
C ARG B 78 -7.57 14.12 -21.94
N TYR B 79 -7.75 14.03 -20.62
CA TYR B 79 -8.45 15.07 -19.90
C TYR B 79 -7.65 16.37 -19.92
N SER B 80 -8.33 17.48 -19.63
CA SER B 80 -7.67 18.77 -19.56
C SER B 80 -6.71 18.79 -18.39
N GLY B 81 -5.43 19.03 -18.67
CA GLY B 81 -4.40 19.03 -17.65
C GLY B 81 -3.49 17.81 -17.69
N VAL B 82 -3.88 16.76 -18.39
CA VAL B 82 -3.01 15.59 -18.55
C VAL B 82 -1.99 15.90 -19.64
N PRO B 83 -0.69 15.78 -19.37
CA PRO B 83 0.31 16.13 -20.37
C PRO B 83 0.37 15.10 -21.48
N ASP B 84 0.91 15.53 -22.62
CA ASP B 84 0.93 14.68 -23.81
C ASP B 84 2.00 13.60 -23.76
N ARG B 85 2.71 13.43 -22.63
CA ARG B 85 3.56 12.26 -22.53
C ARG B 85 2.77 10.97 -22.36
N PHE B 86 1.45 11.07 -22.26
CA PHE B 86 0.56 9.92 -22.22
C PHE B 86 -0.16 9.80 -23.56
N THR B 87 -0.20 8.59 -24.10
CA THR B 87 -0.85 8.33 -25.39
C THR B 87 -1.71 7.08 -25.24
N GLY B 88 -3.02 7.24 -25.41
CA GLY B 88 -3.92 6.11 -25.42
C GLY B 88 -4.12 5.59 -26.83
N SER B 89 -4.32 4.28 -26.94
CA SER B 89 -4.47 3.66 -28.24
C SER B 89 -5.28 2.38 -28.10
N GLY B 90 -6.04 2.06 -29.15
CA GLY B 90 -6.76 0.80 -29.19
C GLY B 90 -8.25 0.93 -29.39
N SER B 91 -8.88 -0.18 -29.77
CA SER B 91 -10.32 -0.25 -29.94
C SER B 91 -10.71 -1.72 -30.04
N GLY B 92 -11.94 -2.02 -29.63
CA GLY B 92 -12.43 -3.39 -29.66
C GLY B 92 -12.04 -4.16 -28.41
N THR B 93 -10.95 -4.92 -28.48
CA THR B 93 -10.49 -5.71 -27.35
C THR B 93 -9.08 -5.38 -26.88
N ASP B 94 -8.24 -4.77 -27.72
CA ASP B 94 -6.83 -4.55 -27.40
C ASP B 94 -6.58 -3.06 -27.19
N PHE B 95 -6.08 -2.71 -26.01
CA PHE B 95 -5.80 -1.33 -25.65
C PHE B 95 -4.41 -1.20 -25.06
N THR B 96 -3.78 -0.04 -25.30
CA THR B 96 -2.46 0.22 -24.78
C THR B 96 -2.37 1.65 -24.27
N LEU B 97 -1.65 1.83 -23.17
CA LEU B 97 -1.28 3.14 -22.66
C LEU B 97 0.23 3.30 -22.84
N THR B 98 0.64 4.37 -23.49
CA THR B 98 2.05 4.63 -23.74
C THR B 98 2.48 5.86 -22.94
N ILE B 99 3.57 5.71 -22.18
CA ILE B 99 4.13 6.79 -21.37
C ILE B 99 5.54 7.07 -21.86
N ASN B 100 5.79 8.30 -22.27
CA ASN B 100 7.13 8.72 -22.68
C ASN B 100 7.79 9.50 -21.54
N ASN B 101 9.12 9.48 -21.55
CA ASN B 101 9.94 10.17 -20.55
C ASN B 101 9.59 9.69 -19.15
N VAL B 102 9.59 8.37 -18.97
CA VAL B 102 9.28 7.81 -17.66
C VAL B 102 10.38 8.17 -16.69
N GLN B 103 9.98 8.51 -15.46
CA GLN B 103 10.93 8.82 -14.39
C GLN B 103 10.59 7.97 -13.18
N SER B 104 11.43 8.07 -12.15
CA SER B 104 11.21 7.35 -10.93
C SER B 104 9.92 7.82 -10.25
N GLU B 105 9.01 6.90 -10.03
CA GLU B 105 7.74 7.19 -9.39
C GLU B 105 7.35 6.01 -8.53
N ASP B 106 6.25 6.17 -7.78
CA ASP B 106 5.65 5.08 -7.01
C ASP B 106 4.18 5.01 -7.41
N LEU B 107 3.93 4.51 -8.62
CA LEU B 107 2.60 4.53 -9.22
C LEU B 107 2.43 3.29 -10.10
N ALA B 108 1.18 2.87 -10.23
CA ALA B 108 0.77 1.83 -11.18
C ALA B 108 -0.25 2.43 -12.14
N TYR B 109 -0.56 1.68 -13.19
CA TYR B 109 -1.50 2.13 -14.21
C TYR B 109 -2.63 1.10 -14.34
N PHE B 110 -3.87 1.59 -14.31
CA PHE B 110 -5.06 0.76 -14.34
C PHE B 110 -5.89 1.10 -15.58
N CYS B 111 -6.41 0.08 -16.25
CA CYS B 111 -7.41 0.26 -17.28
C CYS B 111 -8.80 -0.09 -16.75
N GLN B 112 -9.82 0.44 -17.42
CA GLN B 112 -11.20 0.27 -17.02
C GLN B 112 -12.07 0.32 -18.26
N GLN B 113 -13.07 -0.55 -18.32
CA GLN B 113 -14.12 -0.46 -19.33
C GLN B 113 -15.38 0.12 -18.70
N TYR B 114 -16.11 0.90 -19.49
CA TYR B 114 -17.42 1.39 -19.09
C TYR B 114 -18.43 1.19 -20.20
N ASN B 115 -18.19 0.16 -21.03
CA ASN B 115 -19.12 -0.15 -22.12
C ASN B 115 -20.42 -0.71 -21.58
N SER B 116 -20.40 -1.35 -20.42
CA SER B 116 -21.60 -1.97 -19.88
C SER B 116 -21.41 -2.22 -18.39
N TYR B 117 -22.54 -2.35 -17.69
CA TYR B 117 -22.53 -2.63 -16.26
C TYR B 117 -22.39 -4.13 -16.03
N PRO B 118 -21.56 -4.56 -15.06
CA PRO B 118 -20.79 -3.67 -14.18
C PRO B 118 -19.51 -3.13 -14.79
N TYR B 119 -19.15 -1.90 -14.46
CA TYR B 119 -17.84 -1.38 -14.83
C TYR B 119 -16.75 -2.25 -14.21
N THR B 120 -15.69 -2.52 -14.96
CA THR B 120 -14.63 -3.40 -14.48
C THR B 120 -13.27 -2.82 -14.80
N PHE B 121 -12.31 -3.11 -13.92
CA PHE B 121 -10.96 -2.58 -13.97
C PHE B 121 -9.95 -3.69 -14.24
N GLY B 122 -8.83 -3.31 -14.86
CA GLY B 122 -7.69 -4.19 -14.92
C GLY B 122 -6.97 -4.26 -13.59
N GLY B 123 -6.10 -5.27 -13.46
CA GLY B 123 -5.38 -5.49 -12.22
C GLY B 123 -4.26 -4.51 -11.93
N GLY B 124 -3.82 -3.76 -12.93
CA GLY B 124 -2.78 -2.77 -12.73
C GLY B 124 -1.42 -3.25 -13.23
N THR B 125 -0.60 -2.30 -13.65
CA THR B 125 0.76 -2.57 -14.09
C THR B 125 1.69 -1.52 -13.50
N LYS B 126 2.74 -1.96 -12.84
CA LYS B 126 3.75 -1.09 -12.25
C LYS B 126 5.01 -1.11 -13.10
N LEU B 127 5.62 0.05 -13.29
CA LEU B 127 6.87 0.15 -14.01
C LEU B 127 8.04 -0.12 -13.07
N GLU B 128 9.06 -0.81 -13.58
CA GLU B 128 10.30 -1.02 -12.85
C GLU B 128 11.41 -0.28 -13.55
N ILE B 129 12.06 0.62 -12.82
CA ILE B 129 13.13 1.46 -13.35
C ILE B 129 14.46 0.73 -13.20
N LYS B 130 15.22 0.67 -14.29
CA LYS B 130 16.57 0.13 -14.23
C LYS B 130 17.51 1.09 -13.52
N ARG B 131 18.50 0.53 -12.84
CA ARG B 131 19.58 1.31 -12.25
C ARG B 131 20.76 0.38 -12.02
N ALA B 132 21.88 0.95 -11.61
CA ALA B 132 23.08 0.15 -11.36
C ALA B 132 22.85 -0.80 -10.19
N ASP B 133 23.44 -1.99 -10.28
CA ASP B 133 23.34 -2.96 -9.20
C ASP B 133 23.94 -2.37 -7.92
N ALA B 134 23.35 -2.74 -6.78
CA ALA B 134 23.75 -2.19 -5.50
C ALA B 134 23.63 -3.26 -4.44
N ALA B 135 24.69 -3.45 -3.66
CA ALA B 135 24.64 -4.40 -2.57
C ALA B 135 23.77 -3.87 -1.44
N PRO B 136 23.08 -4.75 -0.72
CA PRO B 136 22.28 -4.30 0.41
C PRO B 136 23.16 -3.86 1.57
N THR B 137 22.67 -2.89 2.32
CA THR B 137 23.24 -2.57 3.63
C THR B 137 22.47 -3.37 4.67
N VAL B 138 23.17 -4.25 5.39
CA VAL B 138 22.55 -5.21 6.28
C VAL B 138 22.84 -4.82 7.73
N SER B 139 21.78 -4.77 8.55
CA SER B 139 21.88 -4.45 9.96
C SER B 139 21.05 -5.45 10.74
N ILE B 140 21.58 -5.93 11.86
CA ILE B 140 20.89 -6.90 12.69
C ILE B 140 20.71 -6.32 14.10
N PHE B 141 19.58 -6.64 14.72
CA PHE B 141 19.23 -6.08 16.01
C PHE B 141 18.73 -7.18 16.95
N PRO B 142 19.22 -7.23 18.18
CA PRO B 142 18.73 -8.23 19.14
C PRO B 142 17.39 -7.83 19.70
N PRO B 143 16.71 -8.74 20.41
CA PRO B 143 15.49 -8.37 21.13
C PRO B 143 15.73 -7.24 22.13
N SER B 144 14.72 -6.39 22.29
CA SER B 144 14.76 -5.32 23.26
C SER B 144 14.43 -5.84 24.65
N SER B 145 14.85 -5.09 25.66
CA SER B 145 14.51 -5.42 27.04
C SER B 145 13.01 -5.47 27.25
N GLU B 146 12.27 -4.56 26.62
CA GLU B 146 10.82 -4.52 26.79
C GLU B 146 10.17 -5.81 26.29
N GLN B 147 10.58 -6.29 25.11
CA GLN B 147 9.95 -7.48 24.56
C GLN B 147 10.25 -8.71 25.40
N LEU B 148 11.50 -8.86 25.86
CA LEU B 148 11.87 -10.02 26.66
C LEU B 148 11.06 -10.10 27.94
N THR B 149 10.74 -8.94 28.53
CA THR B 149 9.90 -8.91 29.72
C THR B 149 8.54 -9.55 29.45
N SER B 150 8.03 -9.44 28.23
CA SER B 150 6.74 -10.00 27.86
C SER B 150 6.81 -11.46 27.44
N GLY B 151 8.00 -12.05 27.35
CA GLY B 151 8.15 -13.45 27.00
C GLY B 151 8.46 -13.72 25.54
N GLY B 152 8.63 -12.68 24.73
CA GLY B 152 8.97 -12.83 23.33
C GLY B 152 10.38 -12.34 23.04
N ALA B 153 10.88 -12.74 21.88
CA ALA B 153 12.25 -12.40 21.49
C ALA B 153 12.28 -12.33 19.96
N SER B 154 12.26 -11.12 19.41
CA SER B 154 12.35 -10.91 17.97
C SER B 154 13.74 -10.39 17.61
N VAL B 155 14.37 -11.05 16.66
CA VAL B 155 15.61 -10.57 16.05
C VAL B 155 15.27 -9.97 14.70
N VAL B 156 15.68 -8.74 14.46
CA VAL B 156 15.30 -8.02 13.25
C VAL B 156 16.55 -7.80 12.39
N CYS B 157 16.40 -8.02 11.09
CA CYS B 157 17.44 -7.80 10.11
C CYS B 157 16.89 -6.92 8.99
N PHE B 158 17.51 -5.76 8.75
CA PHE B 158 17.17 -4.91 7.61
C PHE B 158 18.19 -5.13 6.50
N LEU B 159 17.68 -5.26 5.27
CA LEU B 159 18.51 -5.36 4.07
C LEU B 159 18.05 -4.22 3.17
N ASN B 160 18.80 -3.12 3.15
CA ASN B 160 18.27 -1.86 2.66
C ASN B 160 19.00 -1.37 1.41
N ASN B 161 18.23 -0.77 0.50
CA ASN B 161 18.74 -0.04 -0.66
C ASN B 161 19.61 -0.91 -1.57
N PHE B 162 19.04 -2.01 -2.05
CA PHE B 162 19.73 -2.87 -2.98
C PHE B 162 19.03 -2.90 -4.34
N TYR B 163 19.75 -3.39 -5.35
CA TYR B 163 19.23 -3.58 -6.69
C TYR B 163 20.07 -4.67 -7.36
N PRO B 164 19.45 -5.60 -8.12
CA PRO B 164 18.02 -5.74 -8.41
C PRO B 164 17.22 -6.35 -7.25
N LYS B 165 15.90 -6.40 -7.40
CA LYS B 165 15.02 -6.70 -6.27
C LYS B 165 15.20 -8.12 -5.74
N ASP B 166 15.81 -9.02 -6.51
CA ASP B 166 15.92 -10.42 -6.12
C ASP B 166 17.00 -10.60 -5.07
N ILE B 167 16.66 -11.25 -3.96
CA ILE B 167 17.57 -11.37 -2.82
C ILE B 167 17.12 -12.56 -1.99
N ASN B 168 18.08 -13.16 -1.27
CA ASN B 168 17.79 -14.25 -0.35
C ASN B 168 18.34 -13.92 1.03
N VAL B 169 17.56 -14.23 2.06
CA VAL B 169 17.98 -14.07 3.44
C VAL B 169 17.89 -15.43 4.14
N LYS B 170 18.92 -15.77 4.89
CA LYS B 170 18.95 -17.01 5.64
C LYS B 170 19.30 -16.70 7.09
N TRP B 171 18.57 -17.29 8.03
CA TRP B 171 18.86 -17.15 9.44
C TRP B 171 19.63 -18.37 9.93
N LYS B 172 20.60 -18.14 10.82
CA LYS B 172 21.32 -19.22 11.46
C LYS B 172 21.32 -18.99 12.97
N ILE B 173 21.04 -20.05 13.70
CA ILE B 173 21.07 -20.05 15.16
C ILE B 173 22.17 -21.03 15.57
N ASP B 174 23.22 -20.50 16.20
CA ASP B 174 24.40 -21.29 16.56
C ASP B 174 24.90 -22.11 15.38
N GLY B 175 24.92 -21.48 14.20
CA GLY B 175 25.39 -22.13 13.00
C GLY B 175 24.38 -22.99 12.27
N SER B 176 23.23 -23.27 12.87
CA SER B 176 22.22 -24.13 12.26
C SER B 176 21.16 -23.26 11.58
N GLU B 177 20.84 -23.60 10.33
CA GLU B 177 19.86 -22.84 9.57
C GLU B 177 18.49 -22.92 10.23
N ARG B 178 17.81 -21.78 10.32
CA ARG B 178 16.52 -21.67 10.98
C ARG B 178 15.52 -21.07 10.00
N GLN B 179 14.40 -21.79 9.78
CA GLN B 179 13.40 -21.36 8.82
C GLN B 179 12.05 -21.02 9.45
N ASN B 180 11.68 -21.66 10.55
CA ASN B 180 10.40 -21.40 11.18
C ASN B 180 10.46 -20.15 12.05
N GLY B 181 9.38 -19.37 12.04
CA GLY B 181 9.30 -18.15 12.82
C GLY B 181 9.87 -16.92 12.14
N VAL B 182 10.06 -16.96 10.83
CA VAL B 182 10.62 -15.84 10.08
C VAL B 182 9.50 -15.14 9.31
N LEU B 183 9.48 -13.82 9.37
CA LEU B 183 8.50 -13.02 8.65
C LEU B 183 9.22 -11.92 7.89
N ASN B 184 8.99 -11.87 6.57
CA ASN B 184 9.66 -10.95 5.67
C ASN B 184 8.68 -9.91 5.15
N SER B 185 9.17 -8.70 4.89
CA SER B 185 8.38 -7.65 4.29
C SER B 185 9.27 -6.86 3.35
N TRP B 186 8.72 -6.46 2.21
CA TRP B 186 9.47 -5.81 1.14
C TRP B 186 8.84 -4.47 0.82
N THR B 187 9.68 -3.45 0.66
CA THR B 187 9.20 -2.17 0.15
C THR B 187 9.03 -2.24 -1.37
N ASP B 188 8.20 -1.36 -1.90
CA ASP B 188 8.16 -1.15 -3.34
C ASP B 188 9.43 -0.42 -3.77
N GLN B 189 9.73 -0.49 -5.07
CA GLN B 189 10.88 0.23 -5.59
C GLN B 189 10.77 1.71 -5.21
N ASP B 190 11.82 2.21 -4.57
CA ASP B 190 11.80 3.60 -4.09
C ASP B 190 11.66 4.56 -5.27
N SER B 191 10.80 5.56 -5.11
CA SER B 191 10.49 6.50 -6.16
C SER B 191 11.58 7.56 -6.36
N LYS B 192 12.73 7.43 -5.68
CA LYS B 192 13.75 8.47 -5.78
C LYS B 192 15.13 7.92 -6.13
N ASP B 193 15.54 6.79 -5.54
CA ASP B 193 16.82 6.17 -5.86
C ASP B 193 16.66 4.80 -6.52
N SER B 194 15.42 4.36 -6.77
CA SER B 194 15.10 3.19 -7.57
C SER B 194 15.58 1.88 -6.95
N THR B 195 15.76 1.85 -5.64
CA THR B 195 16.22 0.64 -4.96
C THR B 195 15.06 -0.01 -4.19
N TYR B 196 15.35 -1.19 -3.66
CA TYR B 196 14.43 -1.96 -2.86
C TYR B 196 15.05 -2.21 -1.49
N SER B 197 14.19 -2.42 -0.50
CA SER B 197 14.65 -2.75 0.83
C SER B 197 13.78 -3.86 1.39
N MET B 198 14.33 -4.59 2.36
CA MET B 198 13.64 -5.75 2.92
C MET B 198 13.86 -5.81 4.42
N SER B 199 12.84 -6.25 5.15
CA SER B 199 12.93 -6.55 6.56
C SER B 199 12.70 -8.03 6.78
N SER B 200 13.53 -8.63 7.63
CA SER B 200 13.37 -10.02 8.03
C SER B 200 13.40 -10.08 9.55
N THR B 201 12.38 -10.69 10.15
CA THR B 201 12.24 -10.75 11.60
C THR B 201 12.09 -12.20 12.03
N LEU B 202 12.99 -12.65 12.89
CA LEU B 202 12.93 -14.00 13.46
C LEU B 202 12.35 -13.88 14.86
N THR B 203 11.17 -14.45 15.07
CA THR B 203 10.45 -14.32 16.33
C THR B 203 10.46 -15.65 17.09
N LEU B 204 11.11 -15.64 18.24
CA LEU B 204 11.21 -16.79 19.13
C LEU B 204 10.53 -16.48 20.45
N THR B 205 10.34 -17.52 21.27
CA THR B 205 10.01 -17.27 22.66
C THR B 205 11.28 -16.94 23.42
N LYS B 206 11.11 -16.23 24.54
CA LYS B 206 12.25 -15.96 25.41
C LYS B 206 12.94 -17.25 25.81
N ASP B 207 12.16 -18.31 26.07
CA ASP B 207 12.74 -19.59 26.44
C ASP B 207 13.73 -20.08 25.40
N GLU B 208 13.28 -20.21 24.14
CA GLU B 208 14.18 -20.68 23.09
C GLU B 208 15.35 -19.73 22.90
N TYR B 209 15.07 -18.42 22.96
CA TYR B 209 16.12 -17.44 22.71
C TYR B 209 17.25 -17.57 23.71
N GLU B 210 16.93 -17.81 24.98
CA GLU B 210 17.95 -17.91 26.01
C GLU B 210 18.74 -19.22 25.93
N ARG B 211 18.32 -20.18 25.11
CA ARG B 211 19.02 -21.45 25.01
C ARG B 211 20.09 -21.47 23.93
N HIS B 212 20.30 -20.36 23.23
CA HIS B 212 21.26 -20.31 22.14
C HIS B 212 22.09 -19.04 22.24
N ASN B 213 23.22 -19.05 21.55
CA ASN B 213 24.22 -17.99 21.64
C ASN B 213 24.24 -17.09 20.41
N SER B 214 24.45 -17.67 19.24
CA SER B 214 24.76 -16.91 18.03
C SER B 214 23.53 -16.79 17.15
N TYR B 215 23.25 -15.57 16.71
CA TYR B 215 22.12 -15.29 15.83
C TYR B 215 22.64 -14.56 14.61
N THR B 216 22.43 -15.14 13.43
CA THR B 216 23.08 -14.70 12.20
C THR B 216 22.04 -14.50 11.11
N CYS B 217 22.13 -13.36 10.44
CA CYS B 217 21.33 -13.03 9.26
C CYS B 217 22.27 -13.00 8.05
N GLU B 218 21.99 -13.84 7.04
CA GLU B 218 22.86 -13.98 5.88
C GLU B 218 22.12 -13.55 4.63
N ALA B 219 22.69 -12.57 3.91
CA ALA B 219 22.09 -12.01 2.70
C ALA B 219 22.84 -12.50 1.46
N THR B 220 22.12 -13.08 0.51
CA THR B 220 22.70 -13.53 -0.76
C THR B 220 22.14 -12.66 -1.88
N HIS B 221 23.03 -11.98 -2.60
CA HIS B 221 22.64 -11.04 -3.64
C HIS B 221 23.61 -11.16 -4.81
N LYS B 222 23.11 -10.85 -6.01
CA LYS B 222 23.92 -11.00 -7.21
C LYS B 222 25.14 -10.10 -7.22
N THR B 223 25.20 -9.09 -6.35
CA THR B 223 26.35 -8.20 -6.29
C THR B 223 27.58 -8.84 -5.66
N SER B 224 27.46 -10.07 -5.16
CA SER B 224 28.62 -10.79 -4.63
C SER B 224 28.31 -12.28 -4.64
N THR B 225 29.36 -13.09 -4.78
CA THR B 225 29.21 -14.52 -4.64
C THR B 225 29.33 -14.99 -3.20
N SER B 226 29.88 -14.16 -2.32
CA SER B 226 29.93 -14.44 -0.90
C SER B 226 28.80 -13.69 -0.20
N PRO B 227 27.99 -14.36 0.62
CA PRO B 227 26.90 -13.67 1.31
C PRO B 227 27.43 -12.64 2.30
N ILE B 228 26.59 -11.65 2.58
CA ILE B 228 26.88 -10.66 3.62
C ILE B 228 26.32 -11.20 4.92
N VAL B 229 27.18 -11.29 5.94
CA VAL B 229 26.86 -11.97 7.19
C VAL B 229 26.89 -10.95 8.32
N LYS B 230 25.76 -10.80 9.00
CA LYS B 230 25.64 -9.99 10.20
C LYS B 230 25.18 -10.88 11.35
N SER B 231 25.84 -10.77 12.50
CA SER B 231 25.50 -11.64 13.61
C SER B 231 25.79 -10.95 14.93
N PHE B 232 25.29 -11.55 16.00
CA PHE B 232 25.58 -11.13 17.36
C PHE B 232 25.51 -12.34 18.27
N ASN B 233 26.16 -12.24 19.42
CA ASN B 233 26.10 -13.25 20.46
C ASN B 233 25.33 -12.70 21.65
N ARG B 234 24.42 -13.50 22.20
CA ARG B 234 23.53 -13.03 23.26
C ARG B 234 24.30 -12.57 24.50
N ASN B 235 25.59 -12.85 24.60
CA ASN B 235 26.37 -12.49 25.79
C ASN B 235 26.39 -10.98 26.06
#